data_3QW5
#
_entry.id   3QW5
#
_cell.length_a   50.669
_cell.length_b   66.270
_cell.length_c   64.568
_cell.angle_alpha   90.00
_cell.angle_beta   98.32
_cell.angle_gamma   90.00
#
_symmetry.space_group_name_H-M   'P 1 21 1'
#
loop_
_entity.id
_entity.type
_entity.pdbx_description
1 polymer 'Botulinum neurotoxin type A'
2 polymer 'inhibitory peptide RRGF'
3 non-polymer 'ZINC ION'
4 non-polymer 'SULFATE ION'
5 water water
#
loop_
_entity_poly.entity_id
_entity_poly.type
_entity_poly.pdbx_seq_one_letter_code
_entity_poly.pdbx_strand_id
1 'polypeptide(L)'
;MPFVNKQFNYKDPVNGVDIAYIKIPNAGQMQPVKAFKIHNKIWVIPERDTFTNPEEGDLNPPPEAKQVPVSYYDSTYLST
DNEKDNYLKGVTKLFERIYSTDLGRMLLTSIVRGIPFWGGSTIDTELKVIDTNCINVIQPDGSYRSEELNLVIIGPSADI
IQFECKSFGHEVLNLTRNGYGSTQYIRFSPDFTFGFEESLEVDTNPLLGAGKFATDPAVTLAHELIHAGHRLYGIAINPN
RVFKVNTNAYYEMSGLEVSFEELRTFGGHDAKFIDSLQENEFRLYYYNKFKDIASTLNKAKSIVGTTASLQYMKNVFKEK
YLLSEDTSGKFSVDKLKFDKLYKMLTEIYTEDNFVKFFKVLNRKTYLNFDKAVFKINIVPKVNYTIYDGFNLRNTNLAAN
FNGQNTEINNMNFTKLKNFTGLFEHHHHHH
;
A
2 'polypeptide(L)' RRGF(NH2) B
#
loop_
_chem_comp.id
_chem_comp.type
_chem_comp.name
_chem_comp.formula
NH2 non-polymer 'AMINO GROUP' 'H2 N'
SO4 non-polymer 'SULFATE ION' 'O4 S -2'
ZN non-polymer 'ZINC ION' 'Zn 2'
#
# COMPACT_ATOMS: atom_id res chain seq x y z
N MET A 1 0.54 -19.47 12.41
CA MET A 1 0.73 -19.49 10.93
C MET A 1 -0.01 -18.34 10.28
N PRO A 2 -1.25 -18.01 10.77
CA PRO A 2 -1.95 -16.90 10.13
C PRO A 2 -1.21 -15.58 10.36
N PHE A 3 -1.36 -14.64 9.43
CA PHE A 3 -0.69 -13.35 9.57
C PHE A 3 -1.28 -12.56 10.75
N VAL A 4 -2.60 -12.65 10.90
CA VAL A 4 -3.30 -11.97 11.98
C VAL A 4 -3.76 -13.06 12.96
N ASN A 5 -3.01 -13.21 14.05
CA ASN A 5 -3.28 -14.24 15.06
C ASN A 5 -4.52 -14.01 15.92
N LYS A 6 -5.24 -12.92 15.69
CA LYS A 6 -6.44 -12.61 16.45
C LYS A 6 -7.62 -12.32 15.54
N GLN A 7 -8.82 -12.69 16.00
CA GLN A 7 -10.03 -12.46 15.22
C GLN A 7 -10.77 -11.24 15.77
N PHE A 8 -10.14 -10.08 15.65
CA PHE A 8 -10.68 -8.82 16.13
C PHE A 8 -12.10 -8.50 15.71
N ASN A 9 -12.84 -7.89 16.63
CA ASN A 9 -14.19 -7.43 16.39
C ASN A 9 -14.07 -5.94 16.71
N TYR A 10 -14.68 -5.10 15.90
CA TYR A 10 -14.56 -3.66 16.13
C TYR A 10 -14.93 -3.24 17.54
N LYS A 11 -15.94 -3.89 18.10
CA LYS A 11 -16.42 -3.54 19.44
C LYS A 11 -15.61 -4.13 20.60
N ASP A 12 -14.55 -4.87 20.28
CA ASP A 12 -13.72 -5.44 21.36
C ASP A 12 -13.20 -4.26 22.21
N PRO A 13 -13.22 -4.41 23.54
CA PRO A 13 -12.74 -3.32 24.39
C PRO A 13 -11.26 -2.98 24.20
N VAL A 14 -10.93 -1.69 24.27
CA VAL A 14 -9.55 -1.27 24.10
C VAL A 14 -8.70 -1.84 25.22
N ASN A 15 -7.46 -2.15 24.91
CA ASN A 15 -6.56 -2.70 25.92
C ASN A 15 -5.27 -1.88 25.99
N GLY A 16 -5.16 -0.87 25.15
CA GLY A 16 -3.98 -0.03 25.15
C GLY A 16 -2.74 -0.68 24.59
N VAL A 17 -2.88 -1.87 24.01
CA VAL A 17 -1.74 -2.56 23.42
C VAL A 17 -1.96 -2.74 21.93
N ASP A 18 -2.87 -3.64 21.56
CA ASP A 18 -3.16 -3.83 20.14
C ASP A 18 -4.57 -3.38 19.75
N ILE A 19 -5.35 -2.93 20.73
CA ILE A 19 -6.69 -2.38 20.46
C ILE A 19 -6.63 -1.12 21.30
N ALA A 20 -6.55 0.03 20.63
CA ALA A 20 -6.41 1.28 21.36
C ALA A 20 -6.81 2.51 20.58
N TYR A 21 -7.00 3.59 21.32
CA TYR A 21 -7.31 4.88 20.73
C TYR A 21 -5.95 5.51 20.46
N ILE A 22 -5.76 6.01 19.24
CA ILE A 22 -4.49 6.58 18.86
C ILE A 22 -4.62 7.90 18.12
N LYS A 23 -3.49 8.60 17.99
CA LYS A 23 -3.41 9.85 17.25
C LYS A 23 -2.23 9.71 16.31
N ILE A 24 -2.34 10.28 15.11
CA ILE A 24 -1.25 10.19 14.15
C ILE A 24 -0.50 11.53 14.03
N PRO A 25 0.78 11.48 13.65
CA PRO A 25 1.63 12.67 13.49
C PRO A 25 1.37 13.41 12.19
N ASN A 26 0.19 13.99 12.07
CA ASN A 26 -0.20 14.72 10.87
C ASN A 26 0.06 16.21 10.95
N ALA A 27 0.73 16.65 12.02
CA ALA A 27 1.03 18.06 12.23
C ALA A 27 -0.23 18.83 12.61
N GLY A 28 -1.38 18.23 12.29
CA GLY A 28 -2.65 18.84 12.63
C GLY A 28 -3.11 18.16 13.90
N GLN A 29 -4.32 18.48 14.36
CA GLN A 29 -4.83 17.85 15.57
C GLN A 29 -6.11 17.06 15.30
N MET A 30 -6.41 16.12 16.18
CA MET A 30 -7.57 15.27 15.99
C MET A 30 -8.01 14.63 17.31
N GLN A 31 -9.21 14.05 17.29
CA GLN A 31 -9.71 13.34 18.45
C GLN A 31 -9.13 11.95 18.22
N PRO A 32 -8.83 11.21 19.29
CA PRO A 32 -8.27 9.87 19.11
C PRO A 32 -9.21 8.96 18.31
N VAL A 33 -8.63 8.05 17.52
CA VAL A 33 -9.45 7.12 16.74
C VAL A 33 -9.11 5.69 17.15
N LYS A 34 -10.10 4.81 17.15
CA LYS A 34 -9.87 3.43 17.55
C LYS A 34 -9.10 2.70 16.46
N ALA A 35 -7.98 2.10 16.84
CA ALA A 35 -7.13 1.38 15.89
C ALA A 35 -6.81 -0.02 16.38
N PHE A 36 -6.42 -0.89 15.46
CA PHE A 36 -6.11 -2.27 15.77
C PHE A 36 -4.75 -2.66 15.20
N LYS A 37 -3.89 -3.22 16.04
CA LYS A 37 -2.58 -3.67 15.58
C LYS A 37 -2.76 -5.13 15.19
N ILE A 38 -2.77 -5.40 13.89
CA ILE A 38 -3.00 -6.77 13.41
C ILE A 38 -1.77 -7.65 13.25
N HIS A 39 -0.60 -7.04 13.30
CA HIS A 39 0.65 -7.78 13.15
C HIS A 39 1.75 -6.83 13.59
N ASN A 40 2.92 -7.39 13.92
CA ASN A 40 4.04 -6.56 14.31
C ASN A 40 4.23 -5.46 13.27
N LYS A 41 4.29 -4.21 13.73
CA LYS A 41 4.49 -3.04 12.88
C LYS A 41 3.33 -2.64 11.96
N ILE A 42 2.20 -3.35 12.02
CA ILE A 42 1.08 -3.04 11.13
C ILE A 42 -0.24 -2.77 11.83
N TRP A 43 -0.80 -1.59 11.60
CA TRP A 43 -2.07 -1.19 12.21
C TRP A 43 -3.15 -0.92 11.17
N VAL A 44 -4.40 -1.04 11.61
CA VAL A 44 -5.56 -0.78 10.77
C VAL A 44 -6.46 0.21 11.52
N ILE A 45 -6.83 1.29 10.83
CA ILE A 45 -7.71 2.30 11.38
C ILE A 45 -8.99 2.31 10.54
N PRO A 46 -10.08 1.70 11.05
CA PRO A 46 -11.35 1.64 10.32
C PRO A 46 -12.10 2.96 10.31
N GLU A 47 -11.48 3.99 9.74
CA GLU A 47 -12.06 5.32 9.65
C GLU A 47 -11.75 5.90 8.29
N ARG A 48 -12.60 6.80 7.82
CA ARG A 48 -12.35 7.47 6.55
C ARG A 48 -11.14 8.35 6.86
N ASP A 49 -10.20 8.46 5.93
CA ASP A 49 -9.03 9.27 6.20
C ASP A 49 -9.21 10.78 6.05
N THR A 50 -9.49 11.43 7.17
CA THR A 50 -9.67 12.87 7.22
C THR A 50 -8.54 13.39 8.11
N PHE A 51 -7.48 12.59 8.24
CA PHE A 51 -6.37 12.94 9.11
C PHE A 51 -5.00 13.21 8.49
N THR A 52 -4.56 12.38 7.56
CA THR A 52 -3.25 12.58 6.95
C THR A 52 -3.13 13.88 6.17
N ASN A 53 -4.26 14.41 5.71
CA ASN A 53 -4.27 15.65 4.95
C ASN A 53 -5.36 16.57 5.49
N PRO A 54 -4.97 17.62 6.25
CA PRO A 54 -5.88 18.59 6.85
C PRO A 54 -6.87 19.23 5.88
N GLU A 55 -6.49 19.33 4.61
CA GLU A 55 -7.36 19.95 3.62
C GLU A 55 -8.40 18.98 3.09
N GLU A 56 -8.13 17.68 3.22
CA GLU A 56 -9.06 16.66 2.74
C GLU A 56 -9.85 16.05 3.89
N GLY A 57 -10.51 16.90 4.67
CA GLY A 57 -11.28 16.43 5.80
C GLY A 57 -12.79 16.45 5.57
N ASP A 58 -13.19 16.79 4.35
CA ASP A 58 -14.61 16.86 4.00
C ASP A 58 -15.01 15.71 3.08
N LEU A 59 -15.84 14.81 3.60
CA LEU A 59 -16.30 13.65 2.84
C LEU A 59 -17.49 13.98 1.95
N ASN A 60 -18.19 15.06 2.27
CA ASN A 60 -19.35 15.47 1.50
C ASN A 60 -18.99 15.64 0.03
N PRO A 61 -19.85 15.13 -0.87
CA PRO A 61 -19.62 15.23 -2.32
C PRO A 61 -19.88 16.64 -2.84
N PRO A 62 -18.92 17.21 -3.58
CA PRO A 62 -19.09 18.56 -4.13
C PRO A 62 -20.31 18.58 -5.05
N PRO A 63 -20.71 19.77 -5.53
CA PRO A 63 -21.87 19.83 -6.42
C PRO A 63 -21.69 18.92 -7.62
N GLU A 64 -22.77 18.22 -7.99
CA GLU A 64 -22.75 17.29 -9.11
C GLU A 64 -22.07 17.84 -10.36
N ALA A 65 -22.22 19.14 -10.60
CA ALA A 65 -21.63 19.77 -11.77
C ALA A 65 -20.14 20.08 -11.59
N LYS A 66 -19.53 19.54 -10.53
CA LYS A 66 -18.13 19.79 -10.25
C LYS A 66 -17.37 18.48 -10.05
N GLN A 67 -18.00 17.35 -10.34
CA GLN A 67 -17.37 16.05 -10.20
C GLN A 67 -16.66 15.64 -11.48
N VAL A 68 -15.63 14.80 -11.37
CA VAL A 68 -14.86 14.40 -12.54
C VAL A 68 -15.32 13.05 -13.08
N PRO A 69 -14.38 12.34 -13.75
CA PRO A 69 -14.69 11.04 -14.36
C PRO A 69 -14.64 9.89 -13.35
N VAL A 70 -13.47 9.28 -13.22
CA VAL A 70 -13.30 8.15 -12.30
C VAL A 70 -13.26 8.63 -10.85
N SER A 71 -14.42 8.64 -10.21
CA SER A 71 -14.52 9.07 -8.82
C SER A 71 -15.86 8.59 -8.25
N TYR A 72 -15.89 8.35 -6.94
CA TYR A 72 -17.11 7.91 -6.31
C TYR A 72 -17.20 8.47 -4.90
N TYR A 73 -18.29 9.14 -4.61
CA TYR A 73 -18.49 9.75 -3.30
C TYR A 73 -19.68 9.16 -2.55
N ASP A 74 -19.50 9.00 -1.24
CA ASP A 74 -20.54 8.52 -0.32
C ASP A 74 -20.07 8.92 1.07
N SER A 75 -20.45 10.12 1.49
CA SER A 75 -20.06 10.66 2.78
C SER A 75 -20.41 9.77 3.96
N THR A 76 -21.37 8.88 3.77
CA THR A 76 -21.79 8.00 4.87
C THR A 76 -21.01 6.69 5.01
N TYR A 77 -20.31 6.28 3.97
CA TYR A 77 -19.56 5.03 4.02
C TYR A 77 -18.56 4.98 5.18
N LEU A 78 -18.57 3.88 5.91
CA LEU A 78 -17.65 3.66 7.03
C LEU A 78 -17.91 4.61 8.19
N SER A 79 -19.17 4.89 8.47
CA SER A 79 -19.51 5.79 9.58
C SER A 79 -20.14 5.03 10.75
N THR A 80 -20.55 3.79 10.52
CA THR A 80 -21.19 2.98 11.57
C THR A 80 -20.30 1.88 12.10
N ASP A 81 -20.56 1.43 13.32
CA ASP A 81 -19.75 0.37 13.91
C ASP A 81 -19.81 -0.93 13.10
N ASN A 82 -20.97 -1.22 12.52
CA ASN A 82 -21.11 -2.43 11.73
C ASN A 82 -20.18 -2.37 10.52
N GLU A 83 -20.14 -1.22 9.84
CA GLU A 83 -19.28 -1.07 8.68
C GLU A 83 -17.82 -1.19 9.08
N LYS A 84 -17.47 -0.57 10.20
CA LYS A 84 -16.10 -0.60 10.68
C LYS A 84 -15.69 -2.02 11.06
N ASP A 85 -16.63 -2.78 11.62
CA ASP A 85 -16.35 -4.16 11.98
C ASP A 85 -16.09 -4.94 10.69
N ASN A 86 -16.95 -4.72 9.70
CA ASN A 86 -16.80 -5.40 8.43
C ASN A 86 -15.54 -4.95 7.69
N TYR A 87 -15.16 -3.69 7.85
CA TYR A 87 -13.97 -3.16 7.20
C TYR A 87 -12.75 -3.87 7.79
N LEU A 88 -12.70 -3.93 9.11
CA LEU A 88 -11.59 -4.58 9.80
C LEU A 88 -11.42 -6.04 9.37
N LYS A 89 -12.54 -6.76 9.32
CA LYS A 89 -12.52 -8.16 8.93
C LYS A 89 -12.17 -8.36 7.46
N GLY A 90 -12.60 -7.42 6.63
CA GLY A 90 -12.28 -7.50 5.21
C GLY A 90 -10.79 -7.29 4.97
N VAL A 91 -10.22 -6.28 5.61
CA VAL A 91 -8.79 -6.01 5.46
C VAL A 91 -7.97 -7.19 6.00
N THR A 92 -8.40 -7.73 7.14
CA THR A 92 -7.69 -8.85 7.74
C THR A 92 -7.70 -10.05 6.79
N LYS A 93 -8.85 -10.34 6.19
CA LYS A 93 -8.94 -11.46 5.28
C LYS A 93 -8.02 -11.28 4.06
N LEU A 94 -7.90 -10.05 3.58
CA LEU A 94 -7.04 -9.80 2.42
C LEU A 94 -5.57 -9.97 2.79
N PHE A 95 -5.20 -9.59 4.01
CA PHE A 95 -3.81 -9.79 4.43
C PHE A 95 -3.54 -11.29 4.48
N GLU A 96 -4.52 -12.06 4.94
CA GLU A 96 -4.37 -13.52 5.03
C GLU A 96 -4.26 -14.15 3.65
N ARG A 97 -5.06 -13.68 2.71
CA ARG A 97 -5.03 -14.20 1.34
C ARG A 97 -3.66 -13.90 0.74
N ILE A 98 -3.18 -12.68 0.93
CA ILE A 98 -1.87 -12.28 0.43
C ILE A 98 -0.77 -13.12 1.09
N TYR A 99 -0.85 -13.22 2.42
CA TYR A 99 0.15 -13.99 3.17
C TYR A 99 0.15 -15.47 2.83
N SER A 100 -0.98 -15.99 2.35
CA SER A 100 -1.10 -17.41 2.00
C SER A 100 -0.30 -17.79 0.77
N THR A 101 0.23 -16.81 0.05
CA THR A 101 1.04 -17.09 -1.13
C THR A 101 2.51 -16.86 -0.79
N ASP A 102 3.41 -17.58 -1.45
CA ASP A 102 4.82 -17.38 -1.15
C ASP A 102 5.25 -15.94 -1.45
N LEU A 103 4.72 -15.38 -2.53
CA LEU A 103 5.06 -14.01 -2.91
C LEU A 103 4.58 -13.04 -1.84
N GLY A 104 3.35 -13.25 -1.37
CA GLY A 104 2.79 -12.38 -0.35
C GLY A 104 3.58 -12.47 0.95
N ARG A 105 3.95 -13.69 1.33
CA ARG A 105 4.72 -13.89 2.56
C ARG A 105 6.04 -13.12 2.42
N MET A 106 6.66 -13.21 1.25
CA MET A 106 7.93 -12.51 1.02
C MET A 106 7.73 -11.00 1.12
N LEU A 107 6.69 -10.48 0.46
CA LEU A 107 6.42 -9.05 0.50
C LEU A 107 6.12 -8.53 1.90
N LEU A 108 5.25 -9.23 2.62
CA LEU A 108 4.88 -8.83 3.97
C LEU A 108 6.09 -8.90 4.91
N THR A 109 6.95 -9.88 4.70
CA THR A 109 8.15 -10.01 5.53
C THR A 109 9.05 -8.82 5.26
N SER A 110 9.23 -8.45 4.00
CA SER A 110 10.06 -7.30 3.66
C SER A 110 9.49 -6.03 4.27
N ILE A 111 8.17 -5.91 4.30
CA ILE A 111 7.54 -4.74 4.86
C ILE A 111 7.76 -4.64 6.37
N VAL A 112 7.65 -5.76 7.07
CA VAL A 112 7.85 -5.77 8.53
C VAL A 112 9.30 -5.47 8.89
N ARG A 113 10.22 -5.93 8.04
CA ARG A 113 11.64 -5.69 8.28
C ARG A 113 12.05 -4.30 7.85
N GLY A 114 11.19 -3.64 7.07
CA GLY A 114 11.50 -2.32 6.57
C GLY A 114 11.29 -1.14 7.49
N ILE A 115 11.78 -1.25 8.72
CA ILE A 115 11.63 -0.18 9.69
C ILE A 115 12.23 1.14 9.18
N PRO A 116 11.45 2.24 9.24
CA PRO A 116 11.97 3.54 8.77
C PRO A 116 13.26 3.85 9.51
N PHE A 117 14.25 4.34 8.79
CA PHE A 117 15.55 4.65 9.38
C PHE A 117 15.52 5.74 10.44
N TRP A 118 16.33 5.54 11.48
CA TRP A 118 16.44 6.51 12.57
C TRP A 118 17.42 7.60 12.15
N GLY A 119 16.93 8.63 11.47
CA GLY A 119 17.82 9.70 11.03
C GLY A 119 17.25 11.08 11.23
N GLY A 120 16.56 11.29 12.34
CA GLY A 120 15.98 12.60 12.59
C GLY A 120 16.81 13.52 13.45
N SER A 121 18.00 13.07 13.85
CA SER A 121 18.87 13.89 14.70
C SER A 121 19.83 14.73 13.88
N THR A 122 20.40 15.75 14.51
CA THR A 122 21.35 16.64 13.83
C THR A 122 22.78 16.17 14.06
N ILE A 123 23.04 15.60 15.24
CA ILE A 123 24.37 15.10 15.56
C ILE A 123 24.57 13.79 14.82
N ASP A 124 25.37 13.81 13.76
CA ASP A 124 25.64 12.61 12.95
C ASP A 124 26.19 11.46 13.78
N THR A 125 26.58 11.76 15.02
CA THR A 125 27.11 10.75 15.92
C THR A 125 26.01 10.34 16.88
N GLU A 126 24.76 10.53 16.47
CA GLU A 126 23.61 10.19 17.29
C GLU A 126 22.43 9.69 16.46
N LEU A 127 21.93 8.51 16.79
CA LEU A 127 20.81 7.92 16.07
C LEU A 127 19.51 8.24 16.80
N LYS A 128 18.58 8.89 16.09
CA LYS A 128 17.30 9.23 16.66
C LYS A 128 16.16 8.96 15.68
N VAL A 129 15.05 8.47 16.21
CA VAL A 129 13.88 8.15 15.39
C VAL A 129 13.16 9.43 14.97
N ILE A 130 12.54 9.39 13.80
CA ILE A 130 11.79 10.55 13.29
C ILE A 130 10.34 10.31 13.74
N ASP A 131 9.88 11.14 14.67
CA ASP A 131 8.54 10.99 15.24
C ASP A 131 7.36 10.83 14.29
N THR A 132 7.49 11.25 13.03
CA THR A 132 6.38 11.11 12.09
C THR A 132 6.27 9.67 11.59
N ASN A 133 7.18 8.82 12.07
CA ASN A 133 7.17 7.40 11.73
C ASN A 133 6.60 6.66 12.92
N CYS A 134 5.91 7.40 13.79
CA CYS A 134 5.30 6.83 14.99
C CYS A 134 3.86 7.28 15.10
N ILE A 135 3.15 6.66 16.03
CA ILE A 135 1.78 7.05 16.35
C ILE A 135 1.76 7.17 17.86
N ASN A 136 0.78 7.88 18.40
CA ASN A 136 0.68 8.03 19.85
C ASN A 136 -0.47 7.17 20.31
N VAL A 137 -0.13 6.15 21.11
CA VAL A 137 -1.12 5.21 21.62
C VAL A 137 -1.52 5.52 23.05
N ILE A 138 -2.83 5.61 23.29
CA ILE A 138 -3.31 5.87 24.64
C ILE A 138 -3.18 4.59 25.45
N GLN A 139 -2.39 4.66 26.52
CA GLN A 139 -2.17 3.51 27.39
C GLN A 139 -3.34 3.34 28.35
N PRO A 140 -3.38 2.20 29.07
CA PRO A 140 -4.47 1.95 30.02
C PRO A 140 -4.66 3.05 31.06
N ASP A 141 -3.57 3.71 31.43
CA ASP A 141 -3.62 4.78 32.41
C ASP A 141 -4.00 6.13 31.80
N GLY A 142 -4.32 6.13 30.52
CA GLY A 142 -4.72 7.35 29.85
C GLY A 142 -3.60 8.22 29.30
N SER A 143 -2.35 7.81 29.55
CA SER A 143 -1.21 8.57 29.06
C SER A 143 -0.85 8.09 27.65
N TYR A 144 -0.19 8.97 26.89
CA TYR A 144 0.23 8.64 25.53
C TYR A 144 1.63 8.07 25.49
N ARG A 145 1.84 7.07 24.64
CA ARG A 145 3.16 6.48 24.48
C ARG A 145 3.44 6.39 22.98
N SER A 146 4.66 6.74 22.59
CA SER A 146 5.03 6.71 21.18
C SER A 146 5.41 5.31 20.73
N GLU A 147 4.87 4.90 19.60
CA GLU A 147 5.18 3.58 19.07
C GLU A 147 5.52 3.67 17.58
N GLU A 148 6.66 3.10 17.22
CA GLU A 148 7.08 3.07 15.84
C GLU A 148 6.24 2.03 15.13
N LEU A 149 5.95 2.28 13.86
CA LEU A 149 5.20 1.35 13.05
C LEU A 149 5.58 1.56 11.58
N ASN A 150 5.36 0.54 10.77
CA ASN A 150 5.72 0.63 9.37
C ASN A 150 4.54 0.87 8.44
N LEU A 151 3.39 0.32 8.81
CA LEU A 151 2.22 0.41 7.95
C LEU A 151 0.90 0.62 8.66
N VAL A 152 0.04 1.43 8.04
CA VAL A 152 -1.28 1.69 8.56
C VAL A 152 -2.23 1.60 7.38
N ILE A 153 -3.29 0.84 7.55
CA ILE A 153 -4.31 0.74 6.51
C ILE A 153 -5.46 1.56 7.06
N ILE A 154 -5.91 2.54 6.29
CA ILE A 154 -6.99 3.42 6.71
C ILE A 154 -8.01 3.54 5.59
N GLY A 155 -9.23 3.96 5.94
CA GLY A 155 -10.26 4.11 4.92
C GLY A 155 -9.95 5.26 3.97
N PRO A 156 -10.61 5.29 2.81
CA PRO A 156 -10.40 6.35 1.83
C PRO A 156 -10.89 7.70 2.33
N SER A 157 -10.45 8.77 1.65
CA SER A 157 -10.88 10.11 2.01
C SER A 157 -12.20 10.35 1.25
N ALA A 158 -12.47 11.57 0.84
CA ALA A 158 -13.71 11.89 0.13
C ALA A 158 -13.98 10.99 -1.08
N ASP A 159 -13.01 10.90 -1.99
CA ASP A 159 -13.18 10.04 -3.17
C ASP A 159 -12.86 8.62 -2.73
N ILE A 160 -13.92 7.84 -2.55
CA ILE A 160 -13.81 6.46 -2.09
C ILE A 160 -12.91 5.55 -2.90
N ILE A 161 -12.87 5.74 -4.22
CA ILE A 161 -12.05 4.88 -5.05
C ILE A 161 -10.63 5.34 -5.30
N GLN A 162 -10.21 6.41 -4.64
CA GLN A 162 -8.84 6.89 -4.81
C GLN A 162 -7.95 6.25 -3.76
N PHE A 163 -7.53 5.01 -4.03
CA PHE A 163 -6.66 4.29 -3.12
C PHE A 163 -5.26 4.81 -3.35
N GLU A 164 -4.46 4.89 -2.30
CA GLU A 164 -3.11 5.38 -2.47
C GLU A 164 -2.27 5.20 -1.23
N CYS A 165 -0.96 5.24 -1.44
CA CYS A 165 0.04 5.10 -0.40
C CYS A 165 0.52 6.51 -0.08
N LYS A 166 0.39 6.92 1.18
CA LYS A 166 0.85 8.25 1.52
C LYS A 166 1.60 8.25 2.84
N SER A 167 2.49 9.22 3.00
CA SER A 167 3.28 9.31 4.21
C SER A 167 3.65 10.74 4.52
N PHE A 168 4.03 10.98 5.77
CA PHE A 168 4.39 12.32 6.19
C PHE A 168 5.81 12.63 5.74
N GLY A 169 5.98 13.80 5.13
CA GLY A 169 7.28 14.20 4.65
C GLY A 169 8.17 14.82 5.70
N HIS A 170 9.42 15.09 5.33
CA HIS A 170 10.38 15.70 6.23
C HIS A 170 10.76 17.08 5.71
N GLU A 171 11.11 17.98 6.61
CA GLU A 171 11.49 19.34 6.27
C GLU A 171 12.58 19.38 5.18
N VAL A 172 13.50 18.43 5.23
CA VAL A 172 14.58 18.40 4.23
C VAL A 172 14.75 17.05 3.55
N LEU A 173 14.62 15.98 4.33
CA LEU A 173 14.79 14.62 3.81
C LEU A 173 13.61 14.10 3.00
N ASN A 174 13.91 13.56 1.83
CA ASN A 174 12.88 12.96 0.98
C ASN A 174 12.92 11.49 1.40
N LEU A 175 12.22 11.21 2.50
CA LEU A 175 12.18 9.87 3.10
C LEU A 175 11.83 8.69 2.21
N THR A 176 10.91 8.88 1.27
CA THR A 176 10.54 7.76 0.40
C THR A 176 11.49 7.59 -0.77
N ARG A 177 12.46 8.49 -0.91
CA ARG A 177 13.39 8.41 -2.03
C ARG A 177 14.87 8.57 -1.67
N ASN A 178 15.20 8.46 -0.38
CA ASN A 178 16.60 8.60 0.05
C ASN A 178 17.06 7.37 0.82
N GLY A 179 16.36 6.27 0.64
CA GLY A 179 16.71 5.04 1.32
C GLY A 179 16.26 4.96 2.78
N TYR A 180 15.83 6.07 3.36
CA TYR A 180 15.40 6.05 4.76
C TYR A 180 14.10 5.31 4.98
N GLY A 181 13.07 5.71 4.25
CA GLY A 181 11.77 5.09 4.41
C GLY A 181 10.96 5.89 5.42
N SER A 182 9.66 5.68 5.41
CA SER A 182 8.76 6.37 6.32
C SER A 182 7.51 5.54 6.49
N THR A 183 6.79 5.76 7.58
CA THR A 183 5.56 5.02 7.85
C THR A 183 4.57 5.26 6.73
N GLN A 184 4.04 4.17 6.18
CA GLN A 184 3.09 4.26 5.09
C GLN A 184 1.63 4.11 5.49
N TYR A 185 0.81 5.04 5.03
CA TYR A 185 -0.63 5.03 5.30
C TYR A 185 -1.29 4.71 3.97
N ILE A 186 -1.96 3.57 3.91
CA ILE A 186 -2.62 3.17 2.68
C ILE A 186 -4.11 3.41 2.77
N ARG A 187 -4.63 4.30 1.92
CA ARG A 187 -6.06 4.57 1.88
C ARG A 187 -6.57 3.42 1.03
N PHE A 188 -7.47 2.62 1.61
CA PHE A 188 -7.96 1.44 0.91
C PHE A 188 -9.29 0.97 1.50
N SER A 189 -10.09 0.29 0.68
CA SER A 189 -11.36 -0.26 1.13
C SER A 189 -11.58 -1.63 0.51
N PRO A 190 -11.95 -2.61 1.34
CA PRO A 190 -12.21 -3.97 0.88
C PRO A 190 -13.70 -4.08 0.51
N ASP A 191 -14.42 -2.97 0.65
CA ASP A 191 -15.86 -2.95 0.40
C ASP A 191 -16.34 -2.58 -0.99
N PHE A 192 -15.39 -2.29 -1.88
CA PHE A 192 -15.67 -1.92 -3.27
C PHE A 192 -14.58 -2.51 -4.12
N THR A 193 -14.86 -2.68 -5.40
CA THR A 193 -13.82 -3.11 -6.32
C THR A 193 -14.16 -2.58 -7.69
N PHE A 194 -13.26 -2.79 -8.64
CA PHE A 194 -13.43 -2.25 -9.98
C PHE A 194 -13.64 -3.27 -11.07
N GLY A 195 -14.41 -2.89 -12.09
CA GLY A 195 -14.67 -3.80 -13.18
C GLY A 195 -13.75 -3.54 -14.35
N PHE A 196 -13.31 -4.59 -15.01
CA PHE A 196 -12.44 -4.45 -16.16
C PHE A 196 -12.95 -5.37 -17.24
N GLU A 197 -12.38 -5.26 -18.43
CA GLU A 197 -12.82 -6.10 -19.53
C GLU A 197 -11.80 -7.16 -19.94
N GLU A 198 -12.32 -8.33 -20.28
CA GLU A 198 -11.52 -9.49 -20.67
C GLU A 198 -10.77 -9.35 -21.99
N SER A 199 -11.24 -8.49 -22.89
CA SER A 199 -10.55 -8.29 -24.16
C SER A 199 -9.63 -7.09 -24.04
N LEU A 200 -8.36 -7.26 -24.37
CA LEU A 200 -7.41 -6.17 -24.26
C LEU A 200 -7.85 -4.94 -25.06
N GLU A 201 -8.31 -5.17 -26.29
CA GLU A 201 -8.75 -4.07 -27.14
C GLU A 201 -9.93 -3.30 -26.54
N VAL A 202 -10.74 -3.96 -25.73
CA VAL A 202 -11.86 -3.28 -25.11
C VAL A 202 -11.43 -2.61 -23.80
N ASP A 203 -10.62 -3.32 -23.00
CA ASP A 203 -10.17 -2.78 -21.73
C ASP A 203 -9.36 -1.50 -21.87
N THR A 204 -8.58 -1.40 -22.94
CA THR A 204 -7.76 -0.22 -23.15
C THR A 204 -8.45 0.87 -23.97
N ASN A 205 -9.75 0.72 -24.19
CA ASN A 205 -10.55 1.69 -24.95
C ASN A 205 -11.51 2.37 -23.97
N PRO A 206 -11.50 3.70 -23.92
CA PRO A 206 -12.39 4.46 -23.02
C PRO A 206 -13.87 4.48 -23.35
N LEU A 207 -14.23 4.02 -24.54
CA LEU A 207 -15.62 4.04 -24.96
C LEU A 207 -16.32 2.68 -24.96
N LEU A 208 -15.58 1.63 -24.60
CA LEU A 208 -16.16 0.28 -24.65
C LEU A 208 -16.11 -0.50 -23.36
N GLY A 209 -17.10 -1.37 -23.18
CA GLY A 209 -17.12 -2.22 -22.00
C GLY A 209 -17.87 -1.66 -20.81
N ALA A 210 -18.55 -2.54 -20.10
CA ALA A 210 -19.32 -2.14 -18.93
C ALA A 210 -18.67 -2.63 -17.64
N GLY A 211 -17.61 -3.42 -17.78
CA GLY A 211 -16.91 -3.94 -16.61
C GLY A 211 -17.46 -5.30 -16.21
N LYS A 212 -17.34 -6.26 -17.12
CA LYS A 212 -17.85 -7.60 -16.88
C LYS A 212 -17.16 -8.34 -15.74
N PHE A 213 -15.84 -8.20 -15.66
CA PHE A 213 -15.09 -8.88 -14.60
C PHE A 213 -14.67 -7.92 -13.49
N ALA A 214 -14.67 -8.43 -12.27
CA ALA A 214 -14.30 -7.66 -11.11
C ALA A 214 -12.87 -7.95 -10.66
N THR A 215 -12.14 -6.89 -10.36
CA THR A 215 -10.77 -7.03 -9.90
C THR A 215 -10.80 -7.65 -8.50
N ASP A 216 -9.92 -8.60 -8.24
CA ASP A 216 -9.89 -9.22 -6.91
C ASP A 216 -9.24 -8.18 -6.00
N PRO A 217 -9.94 -7.78 -4.93
CA PRO A 217 -9.39 -6.78 -4.01
C PRO A 217 -8.04 -7.13 -3.39
N ALA A 218 -7.70 -8.41 -3.37
CA ALA A 218 -6.41 -8.83 -2.81
C ALA A 218 -5.29 -8.29 -3.71
N VAL A 219 -5.54 -8.23 -5.01
CA VAL A 219 -4.55 -7.71 -5.95
C VAL A 219 -4.41 -6.21 -5.75
N THR A 220 -5.54 -5.54 -5.57
CA THR A 220 -5.54 -4.10 -5.36
C THR A 220 -4.77 -3.72 -4.10
N LEU A 221 -4.97 -4.46 -3.01
CA LEU A 221 -4.24 -4.17 -1.79
C LEU A 221 -2.75 -4.48 -2.00
N ALA A 222 -2.45 -5.61 -2.64
CA ALA A 222 -1.06 -5.98 -2.90
C ALA A 222 -0.37 -4.88 -3.68
N HIS A 223 -1.09 -4.30 -4.63
CA HIS A 223 -0.55 -3.20 -5.45
C HIS A 223 -0.09 -2.08 -4.52
N GLU A 224 -0.94 -1.70 -3.57
CA GLU A 224 -0.57 -0.64 -2.65
C GLU A 224 0.56 -1.07 -1.73
N LEU A 225 0.56 -2.34 -1.32
CA LEU A 225 1.64 -2.83 -0.45
C LEU A 225 2.99 -2.82 -1.17
N ILE A 226 2.96 -3.00 -2.49
CA ILE A 226 4.20 -2.97 -3.27
C ILE A 226 4.76 -1.55 -3.24
N HIS A 227 3.86 -0.57 -3.36
CA HIS A 227 4.26 0.83 -3.30
C HIS A 227 4.84 1.07 -1.90
N ALA A 228 4.15 0.56 -0.89
CA ALA A 228 4.58 0.74 0.49
C ALA A 228 5.98 0.16 0.67
N GLY A 229 6.23 -0.97 0.00
CA GLY A 229 7.54 -1.60 0.08
C GLY A 229 8.59 -0.69 -0.47
N HIS A 230 8.33 -0.10 -1.64
CA HIS A 230 9.30 0.82 -2.24
C HIS A 230 9.54 2.00 -1.31
N ARG A 231 8.47 2.54 -0.76
CA ARG A 231 8.59 3.70 0.11
C ARG A 231 9.22 3.42 1.46
N LEU A 232 9.02 2.22 2.00
CA LEU A 232 9.61 1.86 3.29
C LEU A 232 11.13 1.69 3.20
N TYR A 233 11.60 1.32 2.01
CA TYR A 233 13.03 1.15 1.79
C TYR A 233 13.61 2.37 1.10
N GLY A 234 12.80 3.43 1.02
CA GLY A 234 13.22 4.68 0.41
C GLY A 234 13.70 4.62 -1.02
N ILE A 235 13.09 3.75 -1.82
CA ILE A 235 13.49 3.63 -3.22
C ILE A 235 12.36 3.90 -4.20
N ALA A 236 11.35 4.67 -3.78
CA ALA A 236 10.23 5.00 -4.66
C ALA A 236 10.75 5.96 -5.73
N ILE A 237 10.16 5.91 -6.92
CA ILE A 237 10.57 6.80 -8.00
C ILE A 237 9.75 8.09 -7.95
N ASN A 238 10.44 9.22 -8.03
CA ASN A 238 9.79 10.54 -7.99
C ASN A 238 8.59 10.55 -8.96
N PRO A 239 7.42 10.97 -8.46
CA PRO A 239 6.21 11.05 -9.29
C PRO A 239 6.32 11.91 -10.54
N ASN A 240 7.28 12.83 -10.57
CA ASN A 240 7.43 13.68 -11.74
C ASN A 240 8.11 12.93 -12.89
N ARG A 241 8.75 11.81 -12.56
CA ARG A 241 9.38 11.00 -13.60
C ARG A 241 8.26 10.17 -14.19
N VAL A 242 7.81 10.55 -15.37
CA VAL A 242 6.71 9.84 -16.02
C VAL A 242 6.99 9.38 -17.44
N PHE A 243 6.11 8.50 -17.90
CA PHE A 243 6.19 7.96 -19.24
C PHE A 243 5.07 8.63 -20.03
N LYS A 244 5.43 9.43 -21.03
CA LYS A 244 4.41 10.08 -21.84
C LYS A 244 3.87 8.98 -22.75
N VAL A 245 2.81 8.33 -22.29
CA VAL A 245 2.20 7.23 -23.02
C VAL A 245 2.07 7.53 -24.52
N ASN A 246 2.72 6.70 -25.32
CA ASN A 246 2.69 6.83 -26.77
C ASN A 246 2.33 5.48 -27.38
N THR A 247 1.67 4.65 -26.57
CA THR A 247 1.26 3.33 -27.00
C THR A 247 -0.26 3.16 -26.94
N ASN A 248 -0.95 4.25 -26.63
CA ASN A 248 -2.41 4.24 -26.55
C ASN A 248 -2.91 5.57 -27.09
N ALA A 249 -3.55 5.53 -28.24
CA ALA A 249 -4.07 6.73 -28.89
C ALA A 249 -4.98 7.58 -28.01
N TYR A 250 -5.71 6.94 -27.11
CA TYR A 250 -6.62 7.68 -26.24
C TYR A 250 -5.85 8.42 -25.14
N TYR A 251 -4.81 7.80 -24.62
CA TYR A 251 -3.98 8.46 -23.61
C TYR A 251 -3.27 9.62 -24.31
N GLU A 252 -2.72 9.33 -25.48
CA GLU A 252 -2.01 10.31 -26.29
C GLU A 252 -2.81 11.56 -26.61
N MET A 253 -3.99 11.39 -27.19
CA MET A 253 -4.84 12.52 -27.54
C MET A 253 -5.18 13.37 -26.33
N SER A 254 -4.98 12.83 -25.14
CA SER A 254 -5.28 13.57 -23.91
C SER A 254 -4.00 13.96 -23.17
N GLY A 255 -2.86 13.60 -23.76
CA GLY A 255 -1.59 13.93 -23.14
C GLY A 255 -1.37 13.29 -21.79
N LEU A 256 -2.10 12.21 -21.51
CA LEU A 256 -1.98 11.52 -20.23
C LEU A 256 -0.59 10.93 -20.02
N GLU A 257 -0.06 11.11 -18.81
CA GLU A 257 1.26 10.61 -18.46
C GLU A 257 1.13 9.64 -17.30
N VAL A 258 1.94 8.59 -17.29
CA VAL A 258 1.91 7.60 -16.21
C VAL A 258 3.28 7.56 -15.56
N SER A 259 3.31 7.71 -14.24
CA SER A 259 4.59 7.70 -13.52
C SER A 259 5.31 6.38 -13.64
N PHE A 260 6.64 6.44 -13.62
CA PHE A 260 7.45 5.24 -13.71
C PHE A 260 7.19 4.36 -12.49
N GLU A 261 6.89 5.00 -11.36
CA GLU A 261 6.63 4.26 -10.13
C GLU A 261 5.44 3.32 -10.31
N GLU A 262 4.43 3.75 -11.08
CA GLU A 262 3.27 2.91 -11.33
C GLU A 262 3.60 1.77 -12.30
N LEU A 263 4.35 2.09 -13.35
CA LEU A 263 4.73 1.08 -14.33
C LEU A 263 5.56 0.00 -13.66
N ARG A 264 6.47 0.41 -12.78
CA ARG A 264 7.32 -0.51 -12.03
C ARG A 264 6.46 -1.42 -11.17
N THR A 265 5.52 -0.81 -10.46
CA THR A 265 4.65 -1.55 -9.57
C THR A 265 3.77 -2.56 -10.29
N PHE A 266 3.26 -2.20 -11.46
CA PHE A 266 2.44 -3.16 -12.19
C PHE A 266 3.32 -4.31 -12.68
N GLY A 267 4.48 -3.97 -13.23
CA GLY A 267 5.39 -4.99 -13.73
C GLY A 267 5.05 -5.48 -15.12
N GLY A 268 5.30 -6.76 -15.37
CA GLY A 268 5.02 -7.34 -16.68
C GLY A 268 5.61 -6.52 -17.80
N HIS A 269 4.87 -6.37 -18.90
CA HIS A 269 5.37 -5.59 -20.03
C HIS A 269 5.44 -4.10 -19.72
N ASP A 270 4.61 -3.63 -18.80
CA ASP A 270 4.59 -2.21 -18.45
C ASP A 270 5.94 -1.71 -17.98
N ALA A 271 6.64 -2.53 -17.20
CA ALA A 271 7.93 -2.15 -16.67
C ALA A 271 8.97 -1.87 -17.74
N LYS A 272 8.76 -2.43 -18.93
CA LYS A 272 9.69 -2.24 -20.03
C LYS A 272 9.65 -0.83 -20.62
N PHE A 273 8.63 -0.06 -20.27
CA PHE A 273 8.53 1.31 -20.78
C PHE A 273 9.55 2.21 -20.11
N ILE A 274 10.28 1.65 -19.16
CA ILE A 274 11.34 2.37 -18.46
C ILE A 274 12.63 1.83 -19.09
N ASP A 275 13.26 2.64 -19.95
CA ASP A 275 14.48 2.21 -20.64
C ASP A 275 15.65 1.92 -19.70
N SER A 276 16.60 1.13 -20.21
CA SER A 276 17.79 0.73 -19.46
C SER A 276 18.59 1.88 -18.85
N LEU A 277 18.89 2.88 -19.66
CA LEU A 277 19.68 4.02 -19.20
C LEU A 277 19.08 4.66 -17.94
N GLN A 278 17.82 5.03 -17.99
CA GLN A 278 17.18 5.65 -16.84
C GLN A 278 17.04 4.65 -15.69
N GLU A 279 16.92 3.38 -16.04
CA GLU A 279 16.78 2.33 -15.04
C GLU A 279 18.08 2.20 -14.26
N ASN A 280 19.20 2.29 -14.98
CA ASN A 280 20.52 2.20 -14.34
C ASN A 280 20.75 3.44 -13.49
N GLU A 281 20.25 4.57 -13.97
CA GLU A 281 20.38 5.83 -13.25
C GLU A 281 19.76 5.73 -11.87
N PHE A 282 18.53 5.22 -11.81
CA PHE A 282 17.83 5.08 -10.54
C PHE A 282 18.54 4.11 -9.61
N ARG A 283 18.95 2.97 -10.16
CA ARG A 283 19.63 1.94 -9.37
C ARG A 283 20.90 2.49 -8.71
N LEU A 284 21.71 3.20 -9.49
CA LEU A 284 22.94 3.79 -8.96
C LEU A 284 22.61 4.83 -7.90
N TYR A 285 21.56 5.60 -8.15
CA TYR A 285 21.11 6.63 -7.22
C TYR A 285 20.81 6.04 -5.84
N TYR A 286 19.96 5.03 -5.82
CA TYR A 286 19.59 4.38 -4.55
C TYR A 286 20.76 3.63 -3.93
N TYR A 287 21.69 3.17 -4.77
CA TYR A 287 22.86 2.47 -4.26
C TYR A 287 23.66 3.45 -3.40
N ASN A 288 23.83 4.67 -3.91
CA ASN A 288 24.56 5.72 -3.18
C ASN A 288 23.81 6.04 -1.90
N LYS A 289 22.49 6.13 -2.00
CA LYS A 289 21.67 6.44 -0.83
C LYS A 289 21.89 5.41 0.26
N PHE A 290 22.01 4.14 -0.12
CA PHE A 290 22.25 3.08 0.85
C PHE A 290 23.65 3.23 1.42
N LYS A 291 24.56 3.78 0.62
CA LYS A 291 25.93 3.98 1.08
C LYS A 291 25.97 5.08 2.13
N ASP A 292 25.21 6.15 1.90
CA ASP A 292 25.16 7.25 2.86
C ASP A 292 24.64 6.74 4.20
N ILE A 293 23.65 5.86 4.14
CA ILE A 293 23.08 5.28 5.35
C ILE A 293 24.11 4.39 6.03
N ALA A 294 24.93 3.72 5.24
CA ALA A 294 25.95 2.84 5.78
C ALA A 294 26.98 3.63 6.57
N SER A 295 27.33 4.82 6.07
CA SER A 295 28.31 5.66 6.73
C SER A 295 27.71 6.35 7.95
N THR A 296 26.44 6.76 7.84
CA THR A 296 25.78 7.41 8.96
C THR A 296 25.74 6.43 10.12
N LEU A 297 25.65 5.15 9.81
CA LEU A 297 25.61 4.10 10.83
C LEU A 297 27.00 3.88 11.40
N ASN A 298 28.03 4.22 10.63
CA ASN A 298 29.40 4.06 11.10
C ASN A 298 29.75 5.20 12.05
N LYS A 299 29.38 6.42 11.69
CA LYS A 299 29.64 7.58 12.51
C LYS A 299 28.78 7.53 13.77
N ALA A 300 27.60 6.93 13.64
CA ALA A 300 26.68 6.79 14.76
C ALA A 300 27.17 5.74 15.75
N LYS A 301 27.21 6.12 17.02
CA LYS A 301 27.65 5.23 18.08
C LYS A 301 26.81 5.43 19.33
N SER A 302 26.21 6.62 19.47
CA SER A 302 25.35 6.92 20.60
C SER A 302 23.90 6.86 20.11
N ILE A 303 22.97 6.60 21.01
CA ILE A 303 21.57 6.51 20.62
C ILE A 303 20.65 7.28 21.55
N VAL A 304 19.51 7.72 21.02
CA VAL A 304 18.53 8.46 21.80
C VAL A 304 17.40 7.53 22.25
N GLY A 305 16.95 7.70 23.48
CA GLY A 305 15.89 6.85 24.00
C GLY A 305 16.47 5.65 24.72
N THR A 306 15.60 4.80 25.25
CA THR A 306 16.04 3.63 25.98
C THR A 306 15.18 2.40 25.69
N THR A 307 14.30 2.52 24.71
CA THR A 307 13.41 1.43 24.34
C THR A 307 14.24 0.28 23.76
N ALA A 308 15.23 0.62 22.95
CA ALA A 308 16.12 -0.36 22.35
C ALA A 308 17.56 0.14 22.41
N SER A 309 18.50 -0.78 22.49
CA SER A 309 19.91 -0.43 22.56
C SER A 309 20.50 -0.09 21.19
N LEU A 310 21.70 0.48 21.19
CA LEU A 310 22.36 0.85 19.95
C LEU A 310 22.72 -0.40 19.13
N GLN A 311 23.33 -1.38 19.80
CA GLN A 311 23.72 -2.61 19.13
C GLN A 311 22.52 -3.27 18.48
N TYR A 312 21.34 -3.04 19.05
CA TYR A 312 20.13 -3.62 18.50
C TYR A 312 19.73 -2.92 17.21
N MET A 313 19.60 -1.60 17.27
CA MET A 313 19.20 -0.82 16.10
C MET A 313 20.19 -0.91 14.96
N LYS A 314 21.49 -0.90 15.27
CA LYS A 314 22.49 -1.02 14.22
C LYS A 314 22.26 -2.32 13.46
N ASN A 315 21.99 -3.38 14.21
CA ASN A 315 21.74 -4.69 13.60
C ASN A 315 20.40 -4.68 12.88
N VAL A 316 19.45 -3.89 13.40
CA VAL A 316 18.13 -3.80 12.79
C VAL A 316 18.24 -3.28 11.38
N PHE A 317 19.08 -2.26 11.20
CA PHE A 317 19.26 -1.66 9.88
C PHE A 317 20.29 -2.42 9.06
N LYS A 318 21.11 -3.23 9.71
CA LYS A 318 22.09 -4.02 8.98
C LYS A 318 21.26 -5.09 8.29
N GLU A 319 20.24 -5.56 9.01
CA GLU A 319 19.33 -6.59 8.50
C GLU A 319 18.42 -6.03 7.41
N LYS A 320 17.87 -4.84 7.66
CA LYS A 320 16.96 -4.21 6.70
C LYS A 320 17.63 -3.95 5.36
N TYR A 321 18.79 -3.31 5.40
CA TYR A 321 19.52 -2.98 4.19
C TYR A 321 20.50 -4.04 3.74
N LEU A 322 20.53 -5.15 4.48
CA LEU A 322 21.43 -6.27 4.18
C LEU A 322 22.87 -5.82 3.96
N LEU A 323 23.34 -4.93 4.82
CA LEU A 323 24.71 -4.42 4.73
C LEU A 323 25.72 -5.45 5.19
N SER A 324 27.00 -5.15 4.97
CA SER A 324 28.08 -6.03 5.38
C SER A 324 28.89 -5.31 6.46
N GLU A 325 29.57 -6.08 7.30
CA GLU A 325 30.38 -5.49 8.37
C GLU A 325 31.79 -6.09 8.35
N ASP A 326 32.81 -5.24 8.39
CA ASP A 326 34.18 -5.71 8.40
C ASP A 326 34.66 -6.02 9.81
N THR A 327 35.88 -6.55 9.92
CA THR A 327 36.48 -6.91 11.20
C THR A 327 36.37 -5.81 12.25
N SER A 328 36.52 -4.57 11.80
CA SER A 328 36.46 -3.42 12.71
C SER A 328 35.06 -3.19 13.28
N GLY A 329 34.08 -3.06 12.40
CA GLY A 329 32.72 -2.83 12.82
C GLY A 329 32.06 -1.81 11.91
N LYS A 330 32.70 -1.55 10.79
CA LYS A 330 32.21 -0.60 9.80
C LYS A 330 31.28 -1.29 8.81
N PHE A 331 30.15 -0.63 8.51
CA PHE A 331 29.20 -1.19 7.57
C PHE A 331 29.48 -0.68 6.16
N SER A 332 29.12 -1.48 5.17
CA SER A 332 29.30 -1.12 3.78
C SER A 332 28.19 -1.80 2.99
N VAL A 333 27.85 -1.25 1.84
CA VAL A 333 26.79 -1.83 1.02
C VAL A 333 27.42 -2.78 0.01
N ASP A 334 26.96 -4.03 0.02
CA ASP A 334 27.48 -5.02 -0.92
C ASP A 334 26.78 -4.88 -2.26
N LYS A 335 27.56 -4.78 -3.33
CA LYS A 335 27.02 -4.62 -4.69
C LYS A 335 25.97 -5.68 -4.99
N LEU A 336 26.36 -6.95 -4.84
CA LEU A 336 25.48 -8.08 -5.11
C LEU A 336 24.20 -8.09 -4.26
N LYS A 337 24.37 -7.85 -2.96
CA LYS A 337 23.25 -7.84 -2.04
C LYS A 337 22.30 -6.68 -2.29
N PHE A 338 22.84 -5.53 -2.68
CA PHE A 338 21.99 -4.39 -2.98
C PHE A 338 21.13 -4.68 -4.19
N ASP A 339 21.77 -5.16 -5.27
CA ASP A 339 21.03 -5.47 -6.47
C ASP A 339 19.95 -6.52 -6.22
N LYS A 340 20.24 -7.49 -5.36
CA LYS A 340 19.27 -8.54 -5.05
C LYS A 340 18.05 -7.97 -4.33
N LEU A 341 18.31 -7.13 -3.33
CA LEU A 341 17.23 -6.51 -2.55
C LEU A 341 16.45 -5.54 -3.42
N TYR A 342 17.17 -4.71 -4.16
CA TYR A 342 16.54 -3.73 -5.03
C TYR A 342 15.63 -4.43 -6.05
N LYS A 343 16.13 -5.51 -6.63
CA LYS A 343 15.39 -6.28 -7.62
C LYS A 343 14.18 -6.97 -6.99
N MET A 344 14.35 -7.49 -5.78
CA MET A 344 13.26 -8.15 -5.07
C MET A 344 12.10 -7.17 -4.89
N LEU A 345 12.42 -5.98 -4.37
CA LEU A 345 11.41 -4.95 -4.12
C LEU A 345 10.78 -4.34 -5.37
N THR A 346 11.53 -4.29 -6.47
CA THR A 346 11.03 -3.66 -7.69
C THR A 346 10.60 -4.55 -8.85
N GLU A 347 11.11 -5.77 -8.93
CA GLU A 347 10.77 -6.67 -10.02
C GLU A 347 10.08 -7.95 -9.58
N ILE A 348 10.38 -8.42 -8.38
CA ILE A 348 9.74 -9.63 -7.89
C ILE A 348 8.36 -9.27 -7.34
N TYR A 349 8.30 -8.20 -6.55
CA TYR A 349 7.03 -7.75 -5.98
C TYR A 349 6.31 -6.84 -6.95
N THR A 350 5.49 -7.42 -7.83
CA THR A 350 4.73 -6.63 -8.79
C THR A 350 3.30 -7.13 -8.84
N GLU A 351 2.40 -6.28 -9.33
CA GLU A 351 1.00 -6.66 -9.45
C GLU A 351 0.88 -7.87 -10.38
N ASP A 352 1.57 -7.81 -11.51
CA ASP A 352 1.47 -8.90 -12.47
C ASP A 352 1.86 -10.23 -11.82
N ASN A 353 2.90 -10.23 -10.99
CA ASN A 353 3.28 -11.49 -10.35
C ASN A 353 2.23 -11.96 -9.34
N PHE A 354 1.61 -11.05 -8.60
CA PHE A 354 0.59 -11.47 -7.67
C PHE A 354 -0.59 -12.11 -8.40
N VAL A 355 -0.89 -11.63 -9.60
CA VAL A 355 -1.98 -12.20 -10.38
C VAL A 355 -1.67 -13.66 -10.65
N LYS A 356 -0.40 -13.96 -10.95
CA LYS A 356 0.01 -15.34 -11.22
C LYS A 356 -0.20 -16.21 -9.97
N PHE A 357 0.12 -15.67 -8.81
CA PHE A 357 -0.02 -16.41 -7.56
C PHE A 357 -1.47 -16.61 -7.13
N PHE A 358 -2.32 -15.61 -7.37
CA PHE A 358 -3.73 -15.72 -6.99
C PHE A 358 -4.57 -16.48 -8.02
N LYS A 359 -4.01 -16.66 -9.21
CA LYS A 359 -4.73 -17.36 -10.28
C LYS A 359 -6.04 -16.64 -10.60
N VAL A 360 -5.98 -15.32 -10.72
CA VAL A 360 -7.18 -14.54 -11.02
C VAL A 360 -7.05 -13.83 -12.35
N LEU A 361 -8.19 -13.33 -12.84
CA LEU A 361 -8.20 -12.55 -14.08
C LEU A 361 -7.95 -11.13 -13.57
N ASN A 362 -7.23 -10.33 -14.33
CA ASN A 362 -6.89 -8.99 -13.88
C ASN A 362 -6.56 -8.16 -15.11
N ARG A 363 -6.51 -6.85 -14.97
CA ARG A 363 -6.14 -6.01 -16.10
C ARG A 363 -4.77 -6.53 -16.55
N LYS A 364 -4.52 -6.50 -17.86
CA LYS A 364 -3.26 -6.98 -18.43
C LYS A 364 -2.21 -5.89 -18.44
N THR A 365 -2.65 -4.65 -18.24
CA THR A 365 -1.74 -3.51 -18.24
C THR A 365 -2.34 -2.41 -17.38
N TYR A 366 -1.47 -1.51 -16.91
CA TYR A 366 -1.89 -0.39 -16.09
C TYR A 366 -2.46 0.68 -17.04
N LEU A 367 -2.04 0.62 -18.29
CA LEU A 367 -2.49 1.58 -19.31
C LEU A 367 -3.84 1.19 -19.92
N ASN A 368 -4.89 1.26 -19.11
CA ASN A 368 -6.22 0.90 -19.57
C ASN A 368 -7.21 1.96 -19.08
N PHE A 369 -8.49 1.65 -19.19
CA PHE A 369 -9.53 2.56 -18.72
C PHE A 369 -10.52 1.83 -17.83
N ASP A 370 -10.73 2.35 -16.63
CA ASP A 370 -11.68 1.72 -15.71
C ASP A 370 -13.05 1.74 -16.33
N LYS A 371 -13.86 0.74 -16.01
CA LYS A 371 -15.20 0.61 -16.55
C LYS A 371 -16.28 0.90 -15.54
N ALA A 372 -16.06 0.47 -14.30
CA ALA A 372 -17.08 0.67 -13.27
C ALA A 372 -16.60 0.35 -11.86
N VAL A 373 -17.40 0.75 -10.88
CA VAL A 373 -17.09 0.45 -9.48
C VAL A 373 -18.28 -0.32 -8.91
N PHE A 374 -17.96 -1.39 -8.18
CA PHE A 374 -18.96 -2.26 -7.58
C PHE A 374 -18.85 -2.29 -6.06
N LYS A 375 -19.99 -2.53 -5.42
CA LYS A 375 -20.03 -2.69 -3.98
C LYS A 375 -19.91 -4.20 -3.82
N ILE A 376 -19.14 -4.65 -2.84
CA ILE A 376 -18.95 -6.08 -2.60
C ILE A 376 -18.91 -6.34 -1.10
N ASN A 377 -18.90 -7.61 -0.72
CA ASN A 377 -18.81 -8.01 0.68
C ASN A 377 -18.04 -9.32 0.72
N ILE A 378 -16.74 -9.22 0.96
CA ILE A 378 -15.88 -10.39 0.98
C ILE A 378 -15.76 -11.09 2.33
N VAL A 379 -16.41 -10.54 3.35
CA VAL A 379 -16.33 -11.13 4.68
C VAL A 379 -16.96 -12.53 4.78
N PRO A 380 -18.17 -12.73 4.27
CA PRO A 380 -18.80 -14.06 4.36
C PRO A 380 -18.02 -15.07 3.52
N LYS A 381 -17.75 -16.25 4.08
CA LYS A 381 -17.02 -17.28 3.34
C LYS A 381 -17.78 -17.80 2.13
N VAL A 382 -19.09 -17.63 2.13
CA VAL A 382 -19.89 -18.10 0.99
C VAL A 382 -19.69 -17.16 -0.19
N ASN A 383 -19.06 -16.03 0.07
CA ASN A 383 -18.80 -15.02 -0.96
C ASN A 383 -17.35 -14.97 -1.43
N TYR A 384 -16.43 -15.07 -0.48
CA TYR A 384 -15.00 -14.93 -0.79
C TYR A 384 -14.15 -15.67 0.25
N THR A 385 -13.08 -16.31 -0.19
CA THR A 385 -12.22 -17.02 0.74
C THR A 385 -10.76 -16.65 0.59
N ILE A 386 -9.99 -16.89 1.64
CA ILE A 386 -8.57 -16.61 1.66
C ILE A 386 -7.88 -17.38 0.54
N TYR A 387 -8.33 -18.60 0.31
CA TYR A 387 -7.72 -19.49 -0.69
C TYR A 387 -8.16 -19.31 -2.14
N ASP A 388 -9.43 -18.97 -2.37
CA ASP A 388 -9.91 -18.83 -3.73
C ASP A 388 -10.49 -17.48 -4.12
N GLY A 389 -10.51 -16.53 -3.20
CA GLY A 389 -11.08 -15.24 -3.52
C GLY A 389 -12.54 -15.49 -3.88
N PHE A 390 -12.99 -14.95 -5.01
CA PHE A 390 -14.38 -15.13 -5.46
C PHE A 390 -14.62 -16.47 -6.18
N ASN A 391 -13.55 -17.04 -6.74
CA ASN A 391 -13.65 -18.28 -7.51
C ASN A 391 -13.65 -19.52 -6.63
N LEU A 392 -14.70 -19.64 -5.82
CA LEU A 392 -14.84 -20.75 -4.86
C LEU A 392 -14.72 -22.14 -5.47
N ARG A 393 -13.77 -22.92 -4.96
CA ARG A 393 -13.56 -24.28 -5.44
C ARG A 393 -14.78 -25.14 -5.19
N ASN A 394 -14.97 -26.14 -6.04
CA ASN A 394 -16.08 -27.07 -5.92
C ASN A 394 -17.46 -26.42 -6.01
N THR A 395 -17.55 -25.36 -6.81
CA THR A 395 -18.80 -24.67 -7.04
C THR A 395 -18.76 -24.24 -8.49
N ASN A 396 -19.85 -23.66 -8.98
CA ASN A 396 -19.91 -23.19 -10.36
C ASN A 396 -19.03 -21.96 -10.59
N LEU A 397 -18.46 -21.43 -9.51
CA LEU A 397 -17.61 -20.25 -9.62
C LEU A 397 -16.12 -20.62 -9.64
N ALA A 398 -15.82 -21.90 -9.51
CA ALA A 398 -14.44 -22.37 -9.48
C ALA A 398 -13.64 -22.19 -10.76
N ALA A 399 -14.24 -22.47 -11.90
CA ALA A 399 -13.53 -22.37 -13.18
C ALA A 399 -13.85 -21.14 -14.01
N ASN A 400 -12.99 -20.90 -14.99
CA ASN A 400 -13.15 -19.79 -15.93
C ASN A 400 -13.31 -18.44 -15.22
N PHE A 401 -12.78 -18.32 -14.00
CA PHE A 401 -12.89 -17.09 -13.23
C PHE A 401 -14.36 -16.69 -13.09
N ASN A 402 -15.23 -17.69 -13.03
CA ASN A 402 -16.66 -17.43 -12.91
C ASN A 402 -17.03 -16.57 -11.70
N GLY A 403 -16.27 -16.73 -10.61
CA GLY A 403 -16.53 -15.95 -9.41
C GLY A 403 -16.29 -14.46 -9.62
N GLN A 404 -15.38 -14.12 -10.54
CA GLN A 404 -15.07 -12.73 -10.84
C GLN A 404 -15.95 -12.17 -11.94
N ASN A 405 -16.71 -13.06 -12.58
CA ASN A 405 -17.62 -12.69 -13.66
C ASN A 405 -18.86 -12.09 -12.99
N THR A 406 -19.02 -10.78 -13.08
CA THR A 406 -20.14 -10.10 -12.42
C THR A 406 -21.51 -10.46 -12.97
N GLU A 407 -21.53 -11.08 -14.15
CA GLU A 407 -22.80 -11.47 -14.75
C GLU A 407 -23.24 -12.83 -14.20
N ILE A 408 -22.28 -13.71 -13.97
CA ILE A 408 -22.57 -15.04 -13.45
C ILE A 408 -22.75 -14.99 -11.94
N ASN A 409 -21.78 -14.35 -11.28
CA ASN A 409 -21.81 -14.22 -9.82
C ASN A 409 -22.41 -12.85 -9.49
N ASN A 410 -23.55 -12.56 -10.10
CA ASN A 410 -24.22 -11.28 -9.93
C ASN A 410 -24.60 -10.89 -8.50
N MET A 411 -24.90 -11.88 -7.66
CA MET A 411 -25.29 -11.59 -6.27
C MET A 411 -24.16 -11.02 -5.41
N ASN A 412 -22.93 -11.11 -5.88
CA ASN A 412 -21.77 -10.60 -5.14
C ASN A 412 -21.30 -9.23 -5.58
N PHE A 413 -22.00 -8.63 -6.55
CA PHE A 413 -21.61 -7.33 -7.06
C PHE A 413 -22.79 -6.42 -7.36
N THR A 414 -22.72 -5.19 -6.85
CA THR A 414 -23.75 -4.20 -7.11
C THR A 414 -23.05 -3.04 -7.80
N LYS A 415 -23.36 -2.82 -9.08
CA LYS A 415 -22.71 -1.74 -9.79
C LYS A 415 -23.19 -0.40 -9.27
N LEU A 416 -22.27 0.43 -8.83
CA LEU A 416 -22.62 1.73 -8.28
C LEU A 416 -22.49 2.85 -9.30
N LYS A 417 -21.52 2.71 -10.21
CA LYS A 417 -21.30 3.74 -11.21
C LYS A 417 -20.55 3.21 -12.42
N ASN A 418 -20.93 3.72 -13.59
CA ASN A 418 -20.29 3.35 -14.84
C ASN A 418 -19.33 4.48 -15.20
N PHE A 419 -18.13 4.13 -15.63
CA PHE A 419 -17.15 5.13 -15.99
C PHE A 419 -16.98 5.22 -17.50
N THR A 420 -17.35 4.16 -18.21
CA THR A 420 -17.20 4.15 -19.66
C THR A 420 -18.01 5.24 -20.34
N GLY A 421 -17.33 6.01 -21.19
CA GLY A 421 -17.99 7.09 -21.90
C GLY A 421 -17.83 8.43 -21.21
N LEU A 422 -17.43 8.40 -19.94
CA LEU A 422 -17.25 9.62 -19.16
C LEU A 422 -15.87 10.24 -19.34
N PHE A 423 -14.95 9.47 -19.93
CA PHE A 423 -13.59 9.96 -20.14
C PHE A 423 -13.56 11.07 -21.18
N ARG B 1 -1.45 3.54 -6.48
CA ARG B 1 -2.70 4.13 -7.03
C ARG B 1 -3.19 3.31 -8.22
N ARG B 2 -4.51 3.25 -8.37
CA ARG B 2 -5.15 2.51 -9.44
C ARG B 2 -4.93 3.13 -10.82
N GLY B 3 -4.93 4.46 -10.88
CA GLY B 3 -4.73 5.13 -12.15
C GLY B 3 -6.01 5.21 -12.98
N PHE B 4 -5.88 5.52 -14.28
CA PHE B 4 -7.06 5.63 -15.15
C PHE B 4 -7.72 4.29 -15.49
N NH2 B 5 -6.95 3.14 -15.56
ZN ZN C . -0.36 2.52 -7.91
S SO4 D . 18.82 -15.90 -0.48
O1 SO4 D . 19.46 -14.82 0.28
O2 SO4 D . 19.22 -17.20 0.08
O3 SO4 D . 17.35 -15.75 -0.42
O4 SO4 D . 19.27 -15.82 -1.89
S SO4 E . 8.79 11.96 0.62
O1 SO4 E . 9.02 11.82 2.07
O2 SO4 E . 7.62 11.14 0.23
O3 SO4 E . 8.50 13.37 0.29
O4 SO4 E . 9.97 11.53 -0.13
S SO4 F . 3.90 10.55 -4.28
O1 SO4 F . 5.28 10.27 -3.83
O2 SO4 F . 2.95 9.72 -3.50
O3 SO4 F . 3.59 11.98 -4.05
O4 SO4 F . 3.77 10.24 -5.71
#